data_2ZV2
#
_entry.id   2ZV2
#
_cell.length_a   67.368
_cell.length_b   77.153
_cell.length_c   84.332
_cell.angle_alpha   90.00
_cell.angle_beta   90.00
_cell.angle_gamma   90.00
#
_symmetry.space_group_name_H-M   'P 21 21 21'
#
loop_
_entity.id
_entity.type
_entity.pdbx_description
1 polymer 'Calcium/calmodulin-dependent protein kinase kinase 2'
2 non-polymer '7-oxo-7H-benzimidazo[2,1-a]benz[de]isoquinoline-3-carboxylic acid'
3 water water
#
_entity_poly.entity_id   1
_entity_poly.type   'polypeptide(L)'
_entity_poly.pdbx_seq_one_letter_code
;GSSGSSGDCVQLNQYTLKDEIGKGSYGVVKLAYNENDNTYYAMKVLSKKKLIRQAGFPRRPPPRGTRPAPGGCIQPRGPI
EQVYQEIAILKKLDHPNVVKLVEVLDDPNEDHLYMVFELVNQGPVMEVPTLKPLSEDQARFYFQDLIKGIEYLHYQKIIH
RDIKPSNLLVGEDGHIKIADFGVSNEFKGSDALLSNTVGTPAFMAPESLSETRKIFSGKALDVWAMGVTLYCFVFGQCPF
MDERIMCLHSKIKSQALEFPDQPDIAEDLKDLITRMLDKNPESRIVVPEIKLHPWVTR
;
_entity_poly.pdbx_strand_id   A
#
loop_
_chem_comp.id
_chem_comp.type
_chem_comp.name
_chem_comp.formula
609 non-polymer '7-oxo-7H-benzimidazo[2,1-a]benz[de]isoquinoline-3-carboxylic acid' 'C19 H10 N2 O3'
#
# COMPACT_ATOMS: atom_id res chain seq x y z
N VAL A 10 7.75 -11.60 25.79
CA VAL A 10 8.72 -12.40 24.98
C VAL A 10 8.13 -13.74 24.57
N GLN A 11 7.10 -14.18 25.29
CA GLN A 11 6.46 -15.46 25.01
C GLN A 11 4.94 -15.40 24.93
N LEU A 12 4.40 -15.66 23.75
CA LEU A 12 2.95 -15.68 23.55
C LEU A 12 2.57 -17.08 23.12
N ASN A 13 2.41 -17.95 24.12
CA ASN A 13 2.07 -19.34 23.86
C ASN A 13 3.20 -20.01 23.06
N GLN A 14 2.87 -20.42 21.85
CA GLN A 14 3.81 -21.10 20.95
C GLN A 14 4.80 -20.13 20.28
N TYR A 15 4.56 -18.84 20.43
CA TYR A 15 5.41 -17.84 19.77
C TYR A 15 6.38 -17.11 20.70
N THR A 16 7.60 -16.93 20.22
CA THR A 16 8.62 -16.24 20.98
C THR A 16 8.96 -14.92 20.29
N LEU A 17 8.42 -13.83 20.81
CA LEU A 17 8.65 -12.50 20.24
C LEU A 17 10.14 -12.14 20.20
N LYS A 18 10.55 -11.55 19.09
CA LYS A 18 11.94 -11.14 18.88
C LYS A 18 11.99 -9.64 18.60
N ASP A 19 13.02 -9.20 17.87
CA ASP A 19 13.17 -7.78 17.54
C ASP A 19 12.09 -7.20 16.65
N GLU A 20 12.04 -5.88 16.61
CA GLU A 20 11.09 -5.15 15.79
C GLU A 20 11.63 -5.12 14.37
N ILE A 21 10.76 -5.25 13.37
CA ILE A 21 11.19 -5.25 11.98
C ILE A 21 10.41 -4.22 11.16
N GLY A 22 9.30 -3.74 11.73
CA GLY A 22 8.49 -2.75 11.04
C GLY A 22 7.57 -2.05 11.99
N LYS A 23 6.95 -0.96 11.54
CA LYS A 23 6.03 -0.20 12.38
C LYS A 23 5.01 0.56 11.53
N TYR A 26 -0.62 1.35 11.85
CA TYR A 26 -0.50 1.58 13.28
C TYR A 26 0.05 0.36 14.04
N GLY A 27 0.59 0.61 15.24
CA GLY A 27 1.16 -0.45 16.05
C GLY A 27 2.60 -0.72 15.65
N VAL A 28 3.07 -1.95 15.88
CA VAL A 28 4.43 -2.36 15.50
C VAL A 28 4.47 -3.83 15.12
N VAL A 29 5.43 -4.21 14.29
CA VAL A 29 5.56 -5.60 13.86
C VAL A 29 6.90 -6.15 14.33
N LYS A 30 6.89 -7.38 14.82
CA LYS A 30 8.09 -8.01 15.32
C LYS A 30 8.35 -9.36 14.67
N LEU A 31 9.61 -9.78 14.70
CA LEU A 31 9.99 -11.07 14.18
C LEU A 31 9.56 -12.01 15.29
N ALA A 32 8.96 -13.14 14.95
CA ALA A 32 8.53 -14.07 15.98
C ALA A 32 8.89 -15.50 15.59
N TYR A 33 9.35 -16.26 16.57
CA TYR A 33 9.72 -17.64 16.35
C TYR A 33 8.63 -18.55 16.87
N ASN A 34 8.17 -19.45 16.01
CA ASN A 34 7.12 -20.39 16.37
C ASN A 34 7.73 -21.75 16.68
N GLU A 35 7.78 -22.09 17.97
CA GLU A 35 8.30 -23.39 18.38
C GLU A 35 7.26 -24.41 17.91
N ASN A 36 7.54 -25.69 18.09
CA ASN A 36 6.63 -26.75 17.67
C ASN A 36 6.27 -26.60 16.18
N ASP A 37 6.96 -25.70 15.50
CA ASP A 37 6.79 -25.45 14.07
C ASP A 37 8.18 -25.11 13.56
N ASN A 38 8.97 -24.51 14.44
CA ASN A 38 10.34 -24.13 14.16
C ASN A 38 10.44 -23.21 12.94
N THR A 39 9.57 -22.21 12.89
CA THR A 39 9.52 -21.28 11.77
C THR A 39 9.32 -19.84 12.24
N TYR A 40 9.83 -18.90 11.45
CA TYR A 40 9.69 -17.47 11.77
C TYR A 40 8.40 -16.94 11.17
N TYR A 41 7.80 -15.99 11.88
CA TYR A 41 6.56 -15.33 11.44
C TYR A 41 6.67 -13.84 11.75
N ALA A 42 5.73 -13.07 11.23
CA ALA A 42 5.70 -11.63 11.50
C ALA A 42 4.53 -11.42 12.47
N MET A 43 4.84 -10.81 13.61
CA MET A 43 3.85 -10.55 14.65
C MET A 43 3.50 -9.08 14.74
N LYS A 44 2.26 -8.75 14.42
CA LYS A 44 1.79 -7.38 14.52
C LYS A 44 1.21 -7.26 15.92
N VAL A 45 1.79 -6.38 16.74
CA VAL A 45 1.34 -6.19 18.11
C VAL A 45 0.60 -4.86 18.27
N LEU A 46 -0.66 -4.95 18.71
CA LEU A 46 -1.49 -3.76 18.91
C LEU A 46 -2.00 -3.60 20.34
N SER A 47 -1.85 -2.40 20.90
CA SER A 47 -2.32 -2.11 22.25
C SER A 47 -3.70 -1.47 22.21
N LYS A 48 -4.67 -2.13 22.81
CA LYS A 48 -6.03 -1.61 22.85
C LYS A 48 -6.07 -0.23 23.49
N LYS A 49 -5.65 0.77 22.71
CA LYS A 49 -5.60 2.16 23.15
C LYS A 49 -5.57 3.09 21.94
N GLU A 81 -13.30 -0.99 16.47
CA GLU A 81 -13.73 -2.10 15.61
C GLU A 81 -13.01 -2.13 14.28
N GLN A 82 -12.11 -1.17 14.06
CA GLN A 82 -11.36 -1.09 12.81
C GLN A 82 -10.39 -2.28 12.69
N VAL A 83 -9.76 -2.62 13.81
CA VAL A 83 -8.81 -3.73 13.86
C VAL A 83 -9.48 -5.05 13.50
N TYR A 84 -10.75 -5.18 13.84
CA TYR A 84 -11.46 -6.41 13.54
C TYR A 84 -11.99 -6.39 12.11
N GLN A 85 -11.96 -5.22 11.48
CA GLN A 85 -12.39 -5.10 10.08
C GLN A 85 -11.18 -5.50 9.24
N GLU A 86 -9.99 -5.11 9.70
CA GLU A 86 -8.74 -5.42 9.02
C GLU A 86 -8.62 -6.94 9.00
N ILE A 87 -8.83 -7.55 10.16
CA ILE A 87 -8.76 -9.00 10.32
C ILE A 87 -9.75 -9.69 9.40
N ALA A 88 -10.98 -9.19 9.37
CA ALA A 88 -12.03 -9.76 8.53
C ALA A 88 -11.62 -9.70 7.07
N ILE A 89 -11.09 -8.56 6.67
CA ILE A 89 -10.63 -8.37 5.29
C ILE A 89 -9.50 -9.36 4.98
N LEU A 90 -8.53 -9.45 5.89
CA LEU A 90 -7.40 -10.34 5.70
C LEU A 90 -7.80 -11.81 5.58
N LYS A 91 -8.65 -12.28 6.49
CA LYS A 91 -9.09 -13.67 6.48
C LYS A 91 -9.68 -14.08 5.14
N LYS A 92 -10.02 -13.08 4.33
CA LYS A 92 -10.62 -13.32 3.02
C LYS A 92 -9.63 -13.28 1.86
N LEU A 93 -8.38 -12.90 2.13
CA LEU A 93 -7.40 -12.78 1.06
C LEU A 93 -6.37 -13.90 0.92
N ASP A 94 -6.29 -14.45 -0.28
CA ASP A 94 -5.34 -15.50 -0.59
C ASP A 94 -4.84 -15.28 -2.00
N HIS A 95 -3.67 -14.68 -2.10
CA HIS A 95 -3.06 -14.37 -3.39
C HIS A 95 -1.57 -14.26 -3.14
N PRO A 96 -0.74 -14.61 -4.15
CA PRO A 96 0.71 -14.54 -3.99
C PRO A 96 1.29 -13.12 -3.84
N ASN A 97 0.54 -12.11 -4.26
CA ASN A 97 1.02 -10.73 -4.12
C ASN A 97 0.31 -9.95 -3.02
N VAL A 98 -0.18 -10.68 -2.01
CA VAL A 98 -0.85 -10.08 -0.87
C VAL A 98 -0.37 -10.83 0.36
N VAL A 99 -0.17 -10.15 1.48
CA VAL A 99 0.29 -10.83 2.68
C VAL A 99 -0.77 -11.83 3.13
N LYS A 100 -0.37 -12.76 3.99
CA LYS A 100 -1.26 -13.80 4.46
C LYS A 100 -1.37 -13.87 5.99
N LEU A 101 -2.57 -13.61 6.49
CA LEU A 101 -2.83 -13.68 7.93
C LEU A 101 -2.87 -15.16 8.29
N VAL A 102 -2.26 -15.51 9.43
CA VAL A 102 -2.20 -16.89 9.87
C VAL A 102 -3.03 -17.14 11.12
N GLU A 103 -2.99 -16.21 12.06
CA GLU A 103 -3.73 -16.38 13.30
C GLU A 103 -3.83 -15.10 14.11
N VAL A 104 -4.86 -15.03 14.95
CA VAL A 104 -5.07 -13.87 15.81
C VAL A 104 -5.10 -14.35 17.24
N LEU A 105 -4.43 -13.61 18.12
CA LEU A 105 -4.37 -13.94 19.54
C LEU A 105 -5.02 -12.82 20.33
N ASP A 106 -6.30 -12.98 20.63
CA ASP A 106 -7.02 -11.98 21.38
C ASP A 106 -7.49 -12.51 22.72
N ASP A 107 -7.17 -11.76 23.77
CA ASP A 107 -7.55 -12.14 25.13
C ASP A 107 -8.25 -10.95 25.77
N PRO A 108 -9.55 -11.10 26.08
CA PRO A 108 -10.33 -10.04 26.71
C PRO A 108 -9.62 -9.46 27.93
N ASN A 109 -8.86 -10.32 28.60
CA ASN A 109 -8.11 -9.91 29.78
C ASN A 109 -6.91 -9.05 29.38
N GLU A 110 -6.12 -9.56 28.44
CA GLU A 110 -4.95 -8.85 27.96
C GLU A 110 -5.29 -7.61 27.16
N ASP A 111 -4.48 -6.57 27.32
CA ASP A 111 -4.68 -5.31 26.61
C ASP A 111 -4.13 -5.43 25.19
N HIS A 112 -3.18 -6.33 25.01
CA HIS A 112 -2.57 -6.53 23.71
C HIS A 112 -3.27 -7.53 22.82
N LEU A 113 -3.26 -7.26 21.52
CA LEU A 113 -3.87 -8.12 20.52
C LEU A 113 -2.75 -8.46 19.54
N TYR A 114 -2.70 -9.70 19.08
CA TYR A 114 -1.64 -10.07 18.16
C TYR A 114 -2.11 -10.74 16.90
N MET A 115 -1.59 -10.27 15.77
CA MET A 115 -1.92 -10.84 14.47
C MET A 115 -0.62 -11.43 13.93
N VAL A 116 -0.65 -12.71 13.62
CA VAL A 116 0.55 -13.34 13.08
C VAL A 116 0.33 -13.54 11.58
N PHE A 117 1.35 -13.15 10.82
CA PHE A 117 1.34 -13.27 9.37
C PHE A 117 2.53 -14.12 8.95
N GLU A 118 2.49 -14.62 7.73
CA GLU A 118 3.62 -15.36 7.21
C GLU A 118 4.64 -14.26 6.97
N LEU A 119 5.90 -14.54 7.24
CA LEU A 119 6.96 -13.57 7.08
C LEU A 119 7.32 -13.30 5.62
N VAL A 120 7.46 -12.03 5.26
CA VAL A 120 7.87 -11.65 3.90
C VAL A 120 9.28 -11.11 4.17
N ASN A 121 10.21 -12.05 4.31
CA ASN A 121 11.60 -11.85 4.69
C ASN A 121 12.45 -10.66 4.22
N GLN A 122 12.41 -10.28 2.96
CA GLN A 122 13.26 -9.17 2.52
C GLN A 122 12.77 -7.75 2.86
N GLY A 123 11.59 -7.63 3.44
CA GLY A 123 11.10 -6.30 3.81
C GLY A 123 10.70 -5.35 2.70
N PRO A 124 10.44 -4.07 3.05
CA PRO A 124 10.04 -3.01 2.12
C PRO A 124 10.89 -2.98 0.87
N VAL A 125 10.23 -2.87 -0.28
CA VAL A 125 10.93 -2.84 -1.55
C VAL A 125 11.89 -1.66 -1.58
N MET A 126 11.52 -0.56 -0.95
CA MET A 126 12.37 0.61 -0.89
C MET A 126 11.90 1.57 0.19
N GLU A 127 12.76 2.52 0.55
CA GLU A 127 12.42 3.51 1.55
C GLU A 127 12.35 4.86 0.87
N VAL A 128 11.45 5.73 1.32
CA VAL A 128 11.31 7.04 0.72
C VAL A 128 11.44 8.11 1.81
N PRO A 129 12.25 9.15 1.55
CA PRO A 129 13.03 9.35 0.32
C PRO A 129 14.31 8.54 0.30
N THR A 130 14.95 8.47 -0.86
CA THR A 130 16.20 7.75 -1.02
C THR A 130 16.95 8.33 -2.20
N LEU A 131 18.28 8.36 -2.11
CA LEU A 131 19.11 8.89 -3.18
C LEU A 131 19.37 7.80 -4.21
N LYS A 132 18.94 6.58 -3.91
CA LYS A 132 19.14 5.45 -4.82
C LYS A 132 17.82 4.88 -5.34
N PRO A 133 17.19 5.57 -6.30
CA PRO A 133 15.93 5.08 -6.85
C PRO A 133 16.15 3.73 -7.52
N LEU A 134 15.09 3.18 -8.08
CA LEU A 134 15.19 1.91 -8.77
C LEU A 134 15.34 2.21 -10.26
N SER A 135 15.90 1.26 -11.00
CA SER A 135 16.05 1.43 -12.44
C SER A 135 14.65 1.18 -13.02
N GLU A 136 14.41 1.61 -14.25
CA GLU A 136 13.12 1.39 -14.87
C GLU A 136 12.75 -0.09 -14.83
N ASP A 137 13.66 -0.94 -15.31
CA ASP A 137 13.40 -2.38 -15.34
C ASP A 137 13.01 -2.94 -13.98
N GLN A 138 13.63 -2.45 -12.91
CA GLN A 138 13.29 -2.90 -11.57
C GLN A 138 11.87 -2.46 -11.24
N ALA A 139 11.57 -1.18 -11.50
CA ALA A 139 10.25 -0.61 -11.23
C ALA A 139 9.16 -1.36 -11.96
N ARG A 140 9.38 -1.65 -13.25
CA ARG A 140 8.40 -2.38 -14.05
C ARG A 140 8.13 -3.73 -13.40
N PHE A 141 9.20 -4.41 -13.02
CA PHE A 141 9.10 -5.72 -12.39
C PHE A 141 8.16 -5.68 -11.19
N TYR A 142 8.44 -4.78 -10.26
CA TYR A 142 7.62 -4.63 -9.07
C TYR A 142 6.22 -4.09 -9.35
N PHE A 143 6.12 -3.12 -10.25
CA PHE A 143 4.83 -2.55 -10.60
C PHE A 143 3.89 -3.64 -11.13
N GLN A 144 4.46 -4.61 -11.83
CA GLN A 144 3.67 -5.71 -12.37
C GLN A 144 3.05 -6.51 -11.23
N ASP A 145 3.82 -6.73 -10.17
CA ASP A 145 3.30 -7.46 -9.01
C ASP A 145 2.19 -6.62 -8.39
N LEU A 146 2.45 -5.33 -8.21
CA LEU A 146 1.47 -4.42 -7.62
C LEU A 146 0.16 -4.44 -8.40
N ILE A 147 0.24 -4.44 -9.73
CA ILE A 147 -0.95 -4.48 -10.55
C ILE A 147 -1.73 -5.77 -10.27
N LYS A 148 -1.04 -6.91 -10.33
CA LYS A 148 -1.69 -8.19 -10.08
C LYS A 148 -2.39 -8.18 -8.72
N GLY A 149 -1.69 -7.70 -7.69
CA GLY A 149 -2.27 -7.63 -6.36
C GLY A 149 -3.48 -6.72 -6.25
N ILE A 150 -3.39 -5.52 -6.82
CA ILE A 150 -4.49 -4.57 -6.78
C ILE A 150 -5.72 -5.11 -7.55
N GLU A 151 -5.47 -5.71 -8.72
CA GLU A 151 -6.53 -6.27 -9.55
C GLU A 151 -7.29 -7.30 -8.70
N TYR A 152 -6.54 -8.15 -8.01
CA TYR A 152 -7.12 -9.15 -7.14
C TYR A 152 -7.95 -8.52 -6.02
N LEU A 153 -7.39 -7.53 -5.33
CA LEU A 153 -8.08 -6.87 -4.23
C LEU A 153 -9.37 -6.20 -4.67
N HIS A 154 -9.35 -5.55 -5.84
CA HIS A 154 -10.53 -4.88 -6.32
C HIS A 154 -11.59 -5.91 -6.70
N TYR A 155 -11.14 -7.04 -7.23
CA TYR A 155 -12.04 -8.10 -7.61
C TYR A 155 -12.73 -8.61 -6.33
N GLN A 156 -11.97 -8.70 -5.24
CA GLN A 156 -12.51 -9.15 -3.97
C GLN A 156 -13.24 -8.02 -3.23
N LYS A 157 -13.51 -6.93 -3.94
CA LYS A 157 -14.22 -5.78 -3.37
C LYS A 157 -13.47 -5.13 -2.21
N ILE A 158 -12.15 -5.01 -2.34
CA ILE A 158 -11.34 -4.39 -1.30
C ILE A 158 -10.58 -3.18 -1.85
N ILE A 159 -10.69 -2.04 -1.18
CA ILE A 159 -9.96 -0.82 -1.57
C ILE A 159 -8.86 -0.78 -0.51
N HIS A 160 -7.59 -0.84 -0.93
CA HIS A 160 -6.50 -0.83 0.05
C HIS A 160 -6.36 0.49 0.81
N ARG A 161 -6.42 1.62 0.10
CA ARG A 161 -6.33 2.93 0.74
C ARG A 161 -4.97 3.33 1.31
N ASP A 162 -3.98 2.44 1.28
CA ASP A 162 -2.67 2.81 1.80
C ASP A 162 -1.49 2.24 1.01
N ILE A 163 -1.59 2.27 -0.31
CA ILE A 163 -0.53 1.78 -1.19
C ILE A 163 0.64 2.76 -1.20
N LYS A 164 1.83 2.25 -0.95
CA LYS A 164 3.05 3.06 -0.97
C LYS A 164 4.21 2.09 -0.94
N PRO A 165 5.39 2.53 -1.38
CA PRO A 165 6.56 1.64 -1.40
C PRO A 165 6.86 0.88 -0.11
N SER A 166 6.70 1.54 1.04
CA SER A 166 6.99 0.87 2.31
C SER A 166 6.01 -0.23 2.70
N ASN A 167 4.85 -0.27 2.03
CA ASN A 167 3.87 -1.32 2.32
C ASN A 167 3.92 -2.45 1.31
N LEU A 168 4.96 -2.44 0.47
CA LEU A 168 5.15 -3.49 -0.53
C LEU A 168 6.40 -4.25 -0.12
N LEU A 169 6.20 -5.40 0.51
CA LEU A 169 7.29 -6.24 0.98
C LEU A 169 7.77 -7.22 -0.07
N VAL A 170 9.09 -7.45 -0.10
CA VAL A 170 9.69 -8.37 -1.05
C VAL A 170 9.82 -9.74 -0.37
N GLY A 171 9.30 -10.78 -1.00
CA GLY A 171 9.37 -12.11 -0.41
C GLY A 171 10.56 -12.94 -0.85
N GLU A 172 10.59 -14.18 -0.39
CA GLU A 172 11.65 -15.13 -0.68
C GLU A 172 11.98 -15.22 -2.18
N ASP A 173 10.95 -15.27 -3.01
CA ASP A 173 11.16 -15.36 -4.46
C ASP A 173 11.42 -14.03 -5.18
N GLY A 174 11.55 -12.95 -4.42
CA GLY A 174 11.82 -11.66 -5.03
C GLY A 174 10.58 -10.87 -5.48
N HIS A 175 9.39 -11.43 -5.30
CA HIS A 175 8.17 -10.74 -5.69
C HIS A 175 7.52 -9.96 -4.55
N ILE A 176 6.75 -8.95 -4.91
CA ILE A 176 6.05 -8.07 -3.97
C ILE A 176 4.77 -8.65 -3.35
N LYS A 177 4.48 -8.25 -2.12
CA LYS A 177 3.27 -8.65 -1.44
C LYS A 177 2.74 -7.39 -0.78
N ILE A 178 1.51 -7.02 -1.12
CA ILE A 178 0.91 -5.84 -0.55
C ILE A 178 0.61 -6.11 0.92
N ALA A 179 1.04 -5.19 1.78
CA ALA A 179 0.85 -5.33 3.21
C ALA A 179 0.09 -4.15 3.82
N ASP A 180 -0.23 -4.28 5.11
CA ASP A 180 -0.91 -3.25 5.88
C ASP A 180 -2.29 -2.80 5.40
N PHE A 181 -3.30 -3.62 5.66
CA PHE A 181 -4.69 -3.33 5.30
C PHE A 181 -5.40 -2.67 6.47
N GLY A 182 -4.63 -2.04 7.35
CA GLY A 182 -5.19 -1.40 8.52
C GLY A 182 -6.18 -0.28 8.27
N VAL A 183 -6.30 0.16 7.03
CA VAL A 183 -7.20 1.26 6.77
C VAL A 183 -8.04 1.01 5.53
N SER A 184 -7.97 -0.21 5.01
CA SER A 184 -8.70 -0.55 3.81
C SER A 184 -10.22 -0.69 4.01
N ASN A 185 -10.97 -0.64 2.93
CA ASN A 185 -12.43 -0.76 3.01
C ASN A 185 -12.93 -1.89 2.13
N GLU A 186 -14.08 -2.42 2.50
CA GLU A 186 -14.72 -3.48 1.75
C GLU A 186 -15.97 -2.83 1.20
N PHE A 187 -16.33 -3.14 -0.04
CA PHE A 187 -17.53 -2.55 -0.61
C PHE A 187 -18.39 -3.60 -1.31
N LYS A 188 -19.67 -3.27 -1.45
CA LYS A 188 -20.61 -4.13 -2.14
C LYS A 188 -20.84 -3.37 -3.44
N GLY A 189 -21.08 -4.09 -4.52
CA GLY A 189 -21.30 -3.40 -5.77
C GLY A 189 -20.10 -3.41 -6.69
N SER A 190 -20.07 -2.43 -7.58
CA SER A 190 -19.02 -2.30 -8.57
C SER A 190 -17.85 -1.44 -8.06
N ASP A 191 -18.10 -0.63 -7.05
CA ASP A 191 -17.05 0.23 -6.51
C ASP A 191 -17.46 0.68 -5.13
N ALA A 192 -16.54 1.36 -4.44
CA ALA A 192 -16.84 1.86 -3.11
C ALA A 192 -17.11 3.36 -3.23
N LEU A 193 -18.10 3.83 -2.48
CA LEU A 193 -18.43 5.25 -2.46
C LEU A 193 -18.05 5.70 -1.06
N LEU A 194 -16.92 6.37 -0.96
CA LEU A 194 -16.34 6.82 0.30
C LEU A 194 -16.41 8.30 0.58
N SER A 195 -16.19 8.66 1.85
CA SER A 195 -16.22 10.06 2.30
C SER A 195 -15.12 10.38 3.31
N ASN A 196 -14.53 9.35 3.90
CA ASN A 196 -13.48 9.53 4.89
C ASN A 196 -12.09 9.68 4.29
N THR A 197 -11.24 10.42 4.99
CA THR A 197 -9.86 10.66 4.56
C THR A 197 -8.88 9.89 5.44
N VAL A 198 -8.39 8.77 4.94
CA VAL A 198 -7.43 7.94 5.67
C VAL A 198 -6.23 7.60 4.79
N GLY A 199 -5.19 7.04 5.40
CA GLY A 199 -4.01 6.67 4.66
C GLY A 199 -2.80 7.56 4.88
N THR A 200 -1.83 7.48 3.98
CA THR A 200 -0.65 8.30 4.09
C THR A 200 -0.80 9.57 3.26
N PRO A 201 -0.69 10.74 3.92
CA PRO A 201 -0.82 12.08 3.33
C PRO A 201 -0.28 12.25 1.91
N ALA A 202 1.00 11.98 1.72
CA ALA A 202 1.64 12.12 0.42
C ALA A 202 1.04 11.24 -0.67
N PHE A 203 0.27 10.23 -0.29
CA PHE A 203 -0.32 9.33 -1.29
C PHE A 203 -1.82 9.48 -1.45
N MET A 204 -2.40 10.45 -0.76
CA MET A 204 -3.84 10.68 -0.84
C MET A 204 -4.25 11.36 -2.14
N ALA A 205 -5.37 10.90 -2.69
CA ALA A 205 -5.90 11.44 -3.94
C ALA A 205 -6.60 12.76 -3.71
N PRO A 206 -6.49 13.68 -4.67
CA PRO A 206 -7.12 15.00 -4.56
C PRO A 206 -8.60 15.03 -4.29
N GLU A 207 -9.36 14.09 -4.86
CA GLU A 207 -10.80 14.06 -4.65
C GLU A 207 -11.17 13.67 -3.22
N SER A 208 -10.21 13.22 -2.45
CA SER A 208 -10.48 12.84 -1.07
C SER A 208 -10.10 13.95 -0.11
N LEU A 209 -9.54 15.04 -0.65
CA LEU A 209 -9.12 16.17 0.18
C LEU A 209 -9.99 17.41 0.05
N SER A 210 -11.28 17.23 -0.24
CA SER A 210 -12.16 18.39 -0.34
C SER A 210 -12.43 18.87 1.09
N GLU A 211 -12.72 20.15 1.25
CA GLU A 211 -12.99 20.68 2.59
C GLU A 211 -14.45 20.47 2.98
N THR A 212 -15.21 19.87 2.08
CA THR A 212 -16.63 19.65 2.31
C THR A 212 -17.10 18.23 2.62
N ARG A 213 -16.18 17.27 2.67
CA ARG A 213 -16.55 15.88 2.99
C ARG A 213 -17.42 15.23 1.89
N LYS A 214 -17.08 15.47 0.64
CA LYS A 214 -17.84 14.90 -0.47
C LYS A 214 -17.57 13.40 -0.65
N ILE A 215 -18.43 12.76 -1.44
CA ILE A 215 -18.31 11.33 -1.72
C ILE A 215 -17.41 11.11 -2.93
N PHE A 216 -16.59 10.07 -2.89
CA PHE A 216 -15.69 9.75 -4.01
C PHE A 216 -15.48 8.24 -4.21
N SER A 217 -15.09 7.85 -5.41
CA SER A 217 -14.84 6.46 -5.79
C SER A 217 -13.60 5.87 -5.13
N GLY A 218 -13.66 4.57 -4.83
CA GLY A 218 -12.56 3.89 -4.19
C GLY A 218 -11.45 3.37 -5.09
N LYS A 219 -11.80 2.71 -6.19
CA LYS A 219 -10.78 2.17 -7.09
C LYS A 219 -9.79 3.24 -7.55
N ALA A 220 -10.30 4.39 -7.97
CA ALA A 220 -9.47 5.50 -8.42
C ALA A 220 -8.47 5.94 -7.35
N LEU A 221 -8.85 5.81 -6.07
CA LEU A 221 -7.94 6.17 -4.98
C LEU A 221 -6.70 5.28 -4.99
N ASP A 222 -6.92 3.97 -5.17
CA ASP A 222 -5.78 3.07 -5.21
C ASP A 222 -4.91 3.35 -6.43
N VAL A 223 -5.53 3.64 -7.57
CA VAL A 223 -4.75 3.92 -8.77
C VAL A 223 -3.87 5.16 -8.55
N TRP A 224 -4.44 6.20 -7.96
CA TRP A 224 -3.67 7.41 -7.70
C TRP A 224 -2.47 7.06 -6.82
N ALA A 225 -2.69 6.25 -5.80
CA ALA A 225 -1.62 5.85 -4.89
C ALA A 225 -0.56 5.01 -5.61
N MET A 226 -0.99 4.22 -6.60
CA MET A 226 -0.08 3.39 -7.37
C MET A 226 0.78 4.33 -8.24
N GLY A 227 0.18 5.44 -8.67
CA GLY A 227 0.91 6.41 -9.48
C GLY A 227 2.01 7.09 -8.69
N VAL A 228 1.67 7.57 -7.49
CA VAL A 228 2.65 8.23 -6.63
C VAL A 228 3.73 7.22 -6.29
N THR A 229 3.32 5.97 -6.16
CA THR A 229 4.24 4.90 -5.83
C THR A 229 5.22 4.62 -6.97
N LEU A 230 4.73 4.64 -8.22
CA LEU A 230 5.60 4.37 -9.37
C LEU A 230 6.57 5.53 -9.49
N TYR A 231 6.07 6.73 -9.23
CA TYR A 231 6.89 7.93 -9.26
C TYR A 231 8.04 7.77 -8.26
N CYS A 232 7.73 7.32 -7.03
CA CYS A 232 8.75 7.10 -6.02
C CYS A 232 9.73 6.03 -6.46
N PHE A 233 9.21 4.97 -7.08
CA PHE A 233 10.04 3.88 -7.58
C PHE A 233 11.26 4.37 -8.35
N VAL A 234 11.06 5.31 -9.28
CA VAL A 234 12.15 5.78 -10.12
C VAL A 234 12.74 7.18 -9.86
N PHE A 235 12.11 7.97 -9.00
CA PHE A 235 12.65 9.28 -8.71
C PHE A 235 13.19 9.35 -7.28
N GLY A 236 12.80 8.37 -6.46
CA GLY A 236 13.26 8.30 -5.09
C GLY A 236 12.57 9.22 -4.09
N GLN A 237 11.51 9.89 -4.51
CA GLN A 237 10.76 10.78 -3.64
C GLN A 237 9.38 11.11 -4.20
N CYS A 238 8.47 11.51 -3.33
CA CYS A 238 7.11 11.86 -3.74
C CYS A 238 7.07 13.10 -4.64
N PRO A 239 6.08 13.17 -5.52
CA PRO A 239 5.90 14.29 -6.45
C PRO A 239 5.27 15.54 -5.84
N PHE A 240 4.63 15.37 -4.69
CA PHE A 240 3.98 16.49 -4.00
C PHE A 240 4.44 16.48 -2.55
N MET A 241 5.18 17.51 -2.15
CA MET A 241 5.69 17.60 -0.78
C MET A 241 5.45 18.98 -0.15
N ASP A 242 5.38 18.98 1.18
CA ASP A 242 5.17 20.19 1.97
C ASP A 242 4.99 19.79 3.43
N GLU A 243 5.73 20.44 4.32
CA GLU A 243 5.65 20.10 5.73
C GLU A 243 4.37 20.58 6.39
N ARG A 244 3.60 21.40 5.67
CA ARG A 244 2.33 21.90 6.18
C ARG A 244 1.17 21.17 5.51
N ILE A 245 0.52 20.30 6.29
CA ILE A 245 -0.57 19.49 5.80
C ILE A 245 -1.56 20.18 4.84
N MET A 246 -2.06 21.33 5.23
CA MET A 246 -3.01 22.03 4.38
C MET A 246 -2.38 22.48 3.06
N CYS A 247 -1.08 22.71 3.08
CA CYS A 247 -0.39 23.11 1.87
C CYS A 247 -0.24 21.88 0.98
N LEU A 248 0.22 20.78 1.58
CA LEU A 248 0.37 19.53 0.84
C LEU A 248 -0.96 19.24 0.15
N HIS A 249 -2.06 19.35 0.88
CA HIS A 249 -3.38 19.11 0.30
C HIS A 249 -3.58 19.99 -0.92
N SER A 250 -3.29 21.28 -0.78
CA SER A 250 -3.45 22.23 -1.87
C SER A 250 -2.58 21.85 -3.07
N LYS A 251 -1.36 21.39 -2.78
CA LYS A 251 -0.44 20.97 -3.82
C LYS A 251 -0.95 19.72 -4.54
N ILE A 252 -1.36 18.72 -3.76
CA ILE A 252 -1.88 17.48 -4.32
C ILE A 252 -3.05 17.83 -5.24
N LYS A 253 -3.83 18.82 -4.85
CA LYS A 253 -4.99 19.22 -5.64
C LYS A 253 -4.73 20.22 -6.76
N SER A 254 -3.69 21.04 -6.64
CA SER A 254 -3.45 22.07 -7.65
C SER A 254 -2.11 22.08 -8.38
N GLN A 255 -1.08 21.52 -7.77
CA GLN A 255 0.22 21.51 -8.42
C GLN A 255 0.26 20.56 -9.61
N ALA A 256 0.77 21.06 -10.73
CA ALA A 256 0.90 20.25 -11.93
C ALA A 256 2.08 19.32 -11.73
N LEU A 257 1.95 18.09 -12.21
CA LEU A 257 3.01 17.09 -12.08
C LEU A 257 4.24 17.58 -12.84
N GLU A 258 5.38 17.56 -12.16
CA GLU A 258 6.63 18.00 -12.74
C GLU A 258 7.62 16.84 -12.72
N PHE A 259 8.48 16.75 -13.73
CA PHE A 259 9.45 15.67 -13.80
C PHE A 259 10.88 16.20 -13.73
N PRO A 260 11.68 15.68 -12.80
CA PRO A 260 13.06 16.14 -12.71
C PRO A 260 13.75 15.68 -13.98
N ASP A 261 14.42 16.58 -14.68
CA ASP A 261 15.10 16.21 -15.92
C ASP A 261 16.09 15.07 -15.65
N GLN A 262 16.45 14.91 -14.38
CA GLN A 262 17.38 13.87 -13.94
C GLN A 262 16.80 13.20 -12.70
N PRO A 263 16.71 11.86 -12.68
CA PRO A 263 17.09 10.89 -13.70
C PRO A 263 16.23 11.00 -14.96
N ASP A 264 16.75 10.46 -16.06
CA ASP A 264 16.03 10.50 -17.32
C ASP A 264 15.21 9.22 -17.46
N ILE A 265 13.93 9.37 -17.79
CA ILE A 265 13.06 8.20 -17.95
C ILE A 265 12.33 8.24 -19.29
N ALA A 266 12.05 7.06 -19.82
CA ALA A 266 11.35 6.93 -21.10
C ALA A 266 10.05 7.72 -21.10
N GLU A 267 9.70 8.26 -22.27
CA GLU A 267 8.48 9.05 -22.41
C GLU A 267 7.20 8.27 -22.15
N ASP A 268 7.22 6.96 -22.38
CA ASP A 268 6.02 6.18 -22.14
C ASP A 268 5.74 6.04 -20.64
N LEU A 269 6.80 5.99 -19.84
CA LEU A 269 6.64 5.90 -18.39
C LEU A 269 6.07 7.23 -17.87
N LYS A 270 6.55 8.36 -18.39
CA LYS A 270 6.03 9.67 -17.95
C LYS A 270 4.55 9.79 -18.28
N ASP A 271 4.14 9.15 -19.37
CA ASP A 271 2.75 9.18 -19.80
C ASP A 271 1.86 8.36 -18.85
N LEU A 272 2.36 7.18 -18.47
CA LEU A 272 1.64 6.29 -17.58
C LEU A 272 1.42 7.00 -16.25
N ILE A 273 2.50 7.55 -15.70
CA ILE A 273 2.43 8.26 -14.43
C ILE A 273 1.45 9.44 -14.53
N THR A 274 1.54 10.19 -15.63
CA THR A 274 0.67 11.34 -15.84
C THR A 274 -0.81 10.93 -15.90
N ARG A 275 -1.08 9.75 -16.45
CA ARG A 275 -2.44 9.27 -16.53
C ARG A 275 -2.94 8.79 -15.17
N MET A 276 -2.07 8.12 -14.42
CA MET A 276 -2.43 7.64 -13.10
C MET A 276 -2.58 8.81 -12.13
N LEU A 277 -1.85 9.89 -12.39
CA LEU A 277 -1.92 11.05 -11.52
C LEU A 277 -2.81 12.15 -12.07
N ASP A 278 -3.78 11.75 -12.88
CA ASP A 278 -4.77 12.66 -13.44
C ASP A 278 -5.61 13.09 -12.23
N LYS A 279 -5.59 14.38 -11.93
CA LYS A 279 -6.33 14.91 -10.79
C LYS A 279 -7.84 14.72 -10.87
N ASN A 280 -8.35 14.42 -12.06
CA ASN A 280 -9.77 14.19 -12.23
C ASN A 280 -10.06 12.68 -12.18
N PRO A 281 -10.74 12.21 -11.14
CA PRO A 281 -11.07 10.79 -10.96
C PRO A 281 -11.80 10.18 -12.15
N GLU A 282 -12.75 10.92 -12.70
CA GLU A 282 -13.55 10.47 -13.83
C GLU A 282 -12.74 10.13 -15.09
N SER A 283 -11.60 10.78 -15.27
CA SER A 283 -10.79 10.52 -16.45
C SER A 283 -9.46 9.83 -16.14
N ARG A 284 -9.19 9.60 -14.86
CA ARG A 284 -7.96 8.93 -14.46
C ARG A 284 -7.96 7.52 -15.02
N ILE A 285 -6.82 7.08 -15.53
CA ILE A 285 -6.69 5.74 -16.09
C ILE A 285 -7.12 4.64 -15.11
N VAL A 286 -7.84 3.63 -15.60
CA VAL A 286 -8.29 2.54 -14.74
C VAL A 286 -7.31 1.37 -14.81
N VAL A 287 -7.37 0.49 -13.82
CA VAL A 287 -6.46 -0.65 -13.78
C VAL A 287 -6.47 -1.51 -15.05
N PRO A 288 -7.65 -1.80 -15.63
CA PRO A 288 -7.64 -2.61 -16.85
C PRO A 288 -6.77 -2.00 -17.95
N GLU A 289 -6.71 -0.66 -17.98
CA GLU A 289 -5.91 0.05 -18.98
C GLU A 289 -4.44 0.02 -18.60
N ILE A 290 -4.13 0.31 -17.34
CA ILE A 290 -2.75 0.30 -16.87
C ILE A 290 -2.11 -1.03 -17.27
N LYS A 291 -2.82 -2.11 -16.99
CA LYS A 291 -2.42 -3.47 -17.30
C LYS A 291 -1.96 -3.62 -18.76
N LEU A 292 -2.57 -2.85 -19.66
CA LEU A 292 -2.24 -2.93 -21.08
C LEU A 292 -1.44 -1.75 -21.62
N HIS A 293 -0.88 -0.93 -20.74
CA HIS A 293 -0.11 0.24 -21.18
C HIS A 293 1.25 -0.15 -21.79
N PRO A 294 1.69 0.59 -22.82
CA PRO A 294 2.97 0.36 -23.51
C PRO A 294 4.17 0.13 -22.59
N TRP A 295 4.36 0.99 -21.59
CA TRP A 295 5.48 0.84 -20.67
C TRP A 295 5.40 -0.43 -19.82
N VAL A 296 4.19 -0.80 -19.42
CA VAL A 296 4.02 -1.99 -18.60
C VAL A 296 4.24 -3.29 -19.37
N THR A 297 3.69 -3.36 -20.58
CA THR A 297 3.82 -4.55 -21.43
C THR A 297 5.15 -4.57 -22.16
N ARG A 298 5.86 -3.45 -22.10
CA ARG A 298 7.15 -3.32 -22.77
C ARG A 298 8.18 -4.28 -22.18
CAW 609 B . 4.52 -7.21 7.62
CAR 609 B . 3.15 -7.01 7.66
CAI 609 B . 2.28 -8.07 7.41
CAF 609 B . 2.80 -9.32 7.11
CAJ 609 B . 4.17 -9.53 7.07
CAS 609 B . 5.03 -8.46 7.33
CAP 609 B . 6.41 -8.68 7.27
OAB 609 B . 6.86 -9.79 7.04
NAX 609 B . 7.28 -7.59 7.50
CAU 609 B . 8.66 -7.46 7.43
CAK 609 B . 9.69 -8.34 7.12
CAE 609 B . 10.99 -7.88 7.06
CAD 609 B . 11.27 -6.54 7.32
CAH 609 B . 10.24 -5.66 7.63
CAQ 609 B . 8.93 -6.11 7.68
NAM 609 B . 7.78 -5.48 7.90
CAV 609 B . 6.76 -6.32 7.80
CAT 609 B . 5.39 -6.14 7.86
CAL 609 B . 4.87 -4.88 8.14
CAG 609 B . 3.49 -4.68 8.18
CAO 609 B . 2.63 -5.74 7.94
CAN 609 B . 1.12 -5.48 7.96
OAC 609 B . 0.39 -6.15 7.20
OAA 609 B . 0.70 -4.58 8.71
#